data_4R3S
#
_entry.id   4R3S
#
_cell.length_a   35.210
_cell.length_b   64.340
_cell.length_c   89.870
_cell.angle_alpha   90.00
_cell.angle_beta   90.00
_cell.angle_gamma   90.00
#
_symmetry.space_group_name_H-M   'P 21 21 21'
#
loop_
_entity.id
_entity.type
_entity.pdbx_description
1 polymer 'FV FRAGMENT(MAB6D8) HEAVY CHAIN'
2 polymer 'FV FRAGMENT(MAB6D8) LIGHT CHAIN'
3 polymer 'Merozoite surface protein'
4 water water
#
loop_
_entity_poly.entity_id
_entity_poly.type
_entity_poly.pdbx_seq_one_letter_code
_entity_poly.pdbx_strand_id
1 'polypeptide(L)'
;QVQLQQSGDELVKPGASVKLSCTVSGFNIKDDFIHWMKQRPEQGLEWIGRIDPANGYTKYAPKFQDKATMTADTSSNTAY
LQLSSLASEDAAVYYCATYGVAYWGQGTLVTVSA
;
A
2 'polypeptide(L)'
;DIVLTQSPASLAVSLGQRATISCKASQSVDHDGDSYMNWFQQKPGQSPKLLIYAASNLESGIPARFSGSGSGTDFTLNIH
PVEEEDAATYYCQQTNEDPYTFGGGTKLEIK
;
B
3 'polypeptide(L)' (ACE)FINNAYNMSIRRS(NH2) Q
#
loop_
_chem_comp.id
_chem_comp.type
_chem_comp.name
_chem_comp.formula
ACE non-polymer 'ACETYL GROUP' 'C2 H4 O'
NH2 non-polymer 'AMINO GROUP' 'H2 N'
#
# COMPACT_ATOMS: atom_id res chain seq x y z
N GLN A 1 -6.15 -10.85 13.81
CA GLN A 1 -5.46 -12.11 14.13
C GLN A 1 -4.15 -12.09 13.39
N VAL A 2 -4.01 -11.24 12.37
CA VAL A 2 -2.80 -11.31 11.51
C VAL A 2 -1.76 -10.20 11.79
N GLN A 3 -0.51 -10.61 12.00
CA GLN A 3 0.57 -9.67 12.26
C GLN A 3 1.75 -9.95 11.34
N LEU A 4 2.34 -8.89 10.84
CA LEU A 4 3.51 -9.04 10.00
C LEU A 4 4.69 -8.38 10.69
N GLN A 5 5.73 -9.14 11.02
CA GLN A 5 6.86 -8.57 11.78
C GLN A 5 8.06 -8.47 10.89
N GLN A 6 8.44 -7.24 10.58
CA GLN A 6 9.56 -7.04 9.67
C GLN A 6 10.86 -6.95 10.43
N SER A 7 11.94 -7.24 9.72
CA SER A 7 13.29 -7.21 10.28
C SER A 7 13.78 -5.79 10.54
N GLY A 8 14.90 -5.69 11.23
CA GLY A 8 15.32 -4.40 11.73
C GLY A 8 15.91 -3.51 10.67
N ASP A 9 15.92 -2.22 10.97
CA ASP A 9 16.53 -1.23 10.05
C ASP A 9 18.00 -1.54 9.72
N GLU A 10 18.42 -1.16 8.52
CA GLU A 10 19.75 -1.55 8.01
C GLU A 10 20.39 -0.37 7.28
N LEU A 11 21.63 -0.10 7.60
CA LEU A 11 22.44 0.84 6.83
C LEU A 11 23.35 0.02 5.90
N VAL A 12 23.27 0.23 4.60
CA VAL A 12 23.99 -0.62 3.65
C VAL A 12 24.91 0.22 2.79
N LYS A 13 25.95 -0.40 2.26
CA LYS A 13 26.91 0.35 1.43
C LYS A 13 26.52 0.30 -0.05
N PRO A 14 26.83 1.37 -0.79
CA PRO A 14 26.52 1.33 -2.23
C PRO A 14 27.16 0.10 -2.87
N GLY A 15 26.40 -0.55 -3.76
CA GLY A 15 26.93 -1.68 -4.51
C GLY A 15 26.61 -3.01 -3.87
N ALA A 16 26.26 -2.97 -2.59
CA ALA A 16 26.07 -4.20 -1.84
C ALA A 16 24.64 -4.68 -1.99
N SER A 17 24.33 -5.80 -1.38
CA SER A 17 23.00 -6.36 -1.46
C SER A 17 22.49 -6.45 -0.03
N VAL A 18 21.18 -6.48 0.15
CA VAL A 18 20.65 -6.67 1.49
C VAL A 18 19.39 -7.53 1.40
N LYS A 19 19.12 -8.30 2.45
CA LYS A 19 17.90 -9.12 2.45
C LYS A 19 17.03 -8.79 3.64
N LEU A 20 15.80 -8.37 3.38
CA LEU A 20 14.82 -8.01 4.44
C LEU A 20 13.86 -9.16 4.73
N SER A 21 13.33 -9.29 5.95
CA SER A 21 12.37 -10.37 6.11
C SER A 21 11.04 -9.85 6.67
N CYS A 22 10.04 -10.70 6.58
CA CYS A 22 8.66 -10.36 6.92
C CYS A 22 8.08 -11.62 7.50
N THR A 23 8.01 -11.75 8.82
CA THR A 23 7.53 -12.99 9.46
C THR A 23 6.05 -12.87 9.80
N VAL A 24 5.23 -13.78 9.30
CA VAL A 24 3.80 -13.62 9.43
C VAL A 24 3.27 -14.53 10.51
N SER A 25 2.48 -13.98 11.42
CA SER A 25 1.74 -14.82 12.37
C SER A 25 0.23 -14.67 12.19
N GLY A 26 -0.51 -15.73 12.54
CA GLY A 26 -1.95 -15.66 12.48
C GLY A 26 -2.51 -15.92 11.11
N PHE A 27 -1.67 -16.39 10.19
CA PHE A 27 -2.09 -16.58 8.80
C PHE A 27 -1.07 -17.50 8.08
N ASN A 28 -1.56 -18.51 7.37
CA ASN A 28 -0.73 -19.44 6.63
C ASN A 28 -0.36 -18.80 5.30
N ILE A 29 0.90 -18.51 5.05
CA ILE A 29 1.17 -17.68 3.90
C ILE A 29 1.04 -18.46 2.62
N LYS A 30 0.81 -19.77 2.70
CA LYS A 30 0.47 -20.49 1.47
C LYS A 30 -0.86 -20.00 0.92
N ASP A 31 -1.62 -19.25 1.70
CA ASP A 31 -3.00 -18.96 1.30
C ASP A 31 -3.16 -17.59 0.66
N ASP A 32 -2.10 -16.81 0.52
CA ASP A 32 -2.24 -15.52 -0.14
C ASP A 32 -0.90 -15.03 -0.66
N PHE A 33 -0.93 -14.10 -1.64
CA PHE A 33 0.27 -13.37 -1.99
C PHE A 33 0.83 -12.61 -0.78
N ILE A 34 2.14 -12.44 -0.76
CA ILE A 34 2.75 -11.36 0.00
C ILE A 34 3.26 -10.31 -0.98
N HIS A 35 2.92 -9.05 -0.68
CA HIS A 35 3.25 -7.88 -1.52
C HIS A 35 4.32 -7.06 -0.83
N TRP A 36 5.19 -6.44 -1.62
CA TRP A 36 6.18 -5.53 -1.05
C TRP A 36 6.03 -4.15 -1.62
N MET A 37 6.15 -3.14 -0.77
CA MET A 37 5.99 -1.74 -1.19
C MET A 37 7.21 -0.95 -0.76
N LYS A 38 7.55 0.09 -1.51
CA LYS A 38 8.69 0.97 -1.18
C LYS A 38 8.15 2.37 -0.89
N GLN A 39 8.68 3.05 0.11
CA GLN A 39 8.34 4.46 0.31
C GLN A 39 9.63 5.26 0.56
N ARG A 40 10.04 6.05 -0.42
CA ARG A 40 11.25 6.89 -0.24
C ARG A 40 10.95 7.98 0.75
N PRO A 41 11.99 8.49 1.44
CA PRO A 41 11.75 9.41 2.57
C PRO A 41 10.89 10.63 2.19
N GLU A 42 9.77 10.75 2.91
CA GLU A 42 8.78 11.81 2.73
C GLU A 42 8.04 11.69 1.38
N GLN A 43 8.29 10.63 0.60
CA GLN A 43 7.63 10.46 -0.70
C GLN A 43 6.41 9.53 -0.61
N GLY A 44 5.87 9.18 -1.77
CA GLY A 44 4.72 8.34 -1.84
C GLY A 44 5.12 6.87 -1.92
N LEU A 45 4.08 6.08 -2.04
CA LEU A 45 4.15 4.62 -2.07
C LEU A 45 4.34 4.06 -3.47
N GLU A 46 5.16 3.01 -3.59
CA GLU A 46 5.31 2.26 -4.84
C GLU A 46 5.13 0.81 -4.55
N TRP A 47 4.46 0.10 -5.45
CA TRP A 47 4.40 -1.35 -5.35
C TRP A 47 5.58 -2.00 -6.05
N ILE A 48 6.29 -2.88 -5.34
CA ILE A 48 7.44 -3.56 -5.89
C ILE A 48 7.04 -4.83 -6.67
N GLY A 49 6.10 -5.57 -6.10
CA GLY A 49 5.70 -6.84 -6.66
C GLY A 49 5.05 -7.74 -5.63
N ARG A 50 4.74 -8.96 -6.04
CA ARG A 50 4.09 -9.90 -5.14
C ARG A 50 4.66 -11.28 -5.39
N ILE A 51 4.61 -12.12 -4.36
CA ILE A 51 5.01 -13.51 -4.50
C ILE A 51 3.88 -14.37 -3.98
N ASP A 52 3.66 -15.50 -4.65
CA ASP A 52 2.72 -16.52 -4.19
C ASP A 52 3.58 -17.54 -3.47
N PRO A 53 3.55 -17.57 -2.14
CA PRO A 53 4.45 -18.46 -1.42
C PRO A 53 4.19 -19.93 -1.68
N ALA A 54 2.97 -20.31 -2.07
CA ALA A 54 2.69 -21.75 -2.28
C ALA A 54 3.57 -22.33 -3.39
N ASN A 55 3.80 -21.54 -4.43
CA ASN A 55 4.56 -22.07 -5.58
C ASN A 55 5.79 -21.28 -5.93
N GLY A 56 6.06 -20.22 -5.18
CA GLY A 56 7.18 -19.37 -5.47
C GLY A 56 7.01 -18.45 -6.65
N TYR A 57 5.89 -18.50 -7.35
CA TYR A 57 5.66 -17.56 -8.48
C TYR A 57 5.71 -16.07 -8.05
N THR A 58 6.37 -15.26 -8.86
CA THR A 58 6.55 -13.83 -8.57
C THR A 58 6.12 -12.95 -9.77
N LYS A 59 5.64 -11.76 -9.47
CA LYS A 59 5.37 -10.73 -10.46
C LYS A 59 5.94 -9.44 -9.91
N TYR A 60 6.87 -8.79 -10.65
CA TYR A 60 7.47 -7.51 -10.20
C TYR A 60 6.95 -6.37 -11.07
N ALA A 61 6.88 -5.17 -10.50
CA ALA A 61 6.74 -3.97 -11.27
C ALA A 61 8.01 -3.84 -12.09
N PRO A 62 7.89 -3.45 -13.37
CA PRO A 62 9.07 -3.43 -14.23
C PRO A 62 10.27 -2.64 -13.66
N LYS A 63 10.02 -1.55 -12.93
CA LYS A 63 11.21 -0.81 -12.51
C LYS A 63 11.98 -1.57 -11.43
N PHE A 64 11.38 -2.61 -10.82
CA PHE A 64 12.09 -3.37 -9.79
C PHE A 64 12.50 -4.77 -10.27
N GLN A 65 12.30 -5.05 -11.56
CA GLN A 65 12.56 -6.36 -12.15
C GLN A 65 13.98 -6.83 -11.92
N ASP A 66 14.93 -5.90 -11.98
CA ASP A 66 16.36 -6.22 -11.79
C ASP A 66 16.91 -5.87 -10.42
N LYS A 67 16.09 -5.25 -9.61
CA LYS A 67 16.50 -4.74 -8.29
C LYS A 67 16.09 -5.70 -7.20
N ALA A 68 14.87 -6.20 -7.29
CA ALA A 68 14.27 -6.96 -6.20
C ALA A 68 14.26 -8.43 -6.51
N THR A 69 14.42 -9.26 -5.49
CA THR A 69 14.16 -10.69 -5.60
C THR A 69 13.32 -11.11 -4.39
N MET A 70 12.14 -11.61 -4.64
CA MET A 70 11.25 -12.04 -3.58
C MET A 70 11.32 -13.57 -3.41
N THR A 71 11.39 -14.01 -2.17
CA THR A 71 11.29 -15.46 -1.89
C THR A 71 10.46 -15.68 -0.65
N ALA A 72 10.05 -16.92 -0.42
CA ALA A 72 9.24 -17.15 0.77
C ALA A 72 9.52 -18.52 1.31
N ASP A 73 9.40 -18.70 2.62
CA ASP A 73 9.56 -20.03 3.22
C ASP A 73 8.26 -20.39 3.92
N THR A 74 7.50 -21.30 3.34
CA THR A 74 6.20 -21.62 3.90
C THR A 74 6.36 -22.28 5.28
N SER A 75 7.43 -23.03 5.54
CA SER A 75 7.52 -23.66 6.85
CA SER A 75 7.55 -23.67 6.85
C SER A 75 7.63 -22.68 8.00
N SER A 76 8.35 -21.58 7.80
CA SER A 76 8.52 -20.58 8.84
C SER A 76 7.55 -19.41 8.66
N ASN A 77 6.66 -19.54 7.68
CA ASN A 77 5.72 -18.47 7.31
C ASN A 77 6.43 -17.12 7.19
N THR A 78 7.55 -17.11 6.45
CA THR A 78 8.34 -15.89 6.37
C THR A 78 8.58 -15.56 4.93
N ALA A 79 8.52 -14.27 4.59
CA ALA A 79 8.83 -13.84 3.23
C ALA A 79 10.07 -12.94 3.24
N TYR A 80 10.81 -12.95 2.16
CA TYR A 80 12.09 -12.19 2.08
C TYR A 80 12.11 -11.32 0.87
N LEU A 81 12.73 -10.17 1.03
CA LEU A 81 12.93 -9.27 -0.09
C LEU A 81 14.43 -8.98 -0.18
N GLN A 82 15.04 -9.37 -1.29
CA GLN A 82 16.46 -9.10 -1.47
C GLN A 82 16.63 -7.91 -2.42
N LEU A 83 17.44 -6.93 -2.08
CA LEU A 83 17.66 -5.80 -2.96
C LEU A 83 19.10 -5.84 -3.41
N SER A 84 19.34 -5.72 -4.71
CA SER A 84 20.71 -5.83 -5.19
CA SER A 84 20.67 -5.86 -5.27
C SER A 84 21.28 -4.51 -5.66
N SER A 85 22.60 -4.49 -5.77
CA SER A 85 23.38 -3.38 -6.30
C SER A 85 22.88 -2.03 -5.74
N LEU A 86 22.93 -1.91 -4.41
CA LEU A 86 22.25 -0.81 -3.76
C LEU A 86 22.79 0.54 -4.18
N ALA A 87 21.88 1.51 -4.33
CA ALA A 87 22.30 2.84 -4.68
C ALA A 87 21.51 3.83 -3.84
N SER A 88 21.80 5.13 -3.88
CA SER A 88 21.11 5.98 -2.92
C SER A 88 19.60 6.04 -3.11
N GLU A 89 19.14 5.87 -4.34
CA GLU A 89 17.66 5.90 -4.50
C GLU A 89 16.94 4.63 -3.95
N ASP A 90 17.69 3.62 -3.52
CA ASP A 90 17.11 2.47 -2.84
C ASP A 90 16.84 2.75 -1.38
N ALA A 91 17.37 3.85 -0.84
CA ALA A 91 17.08 4.17 0.54
C ALA A 91 15.58 4.51 0.68
N ALA A 92 14.91 3.82 1.59
CA ALA A 92 13.46 3.92 1.72
C ALA A 92 12.98 3.09 2.91
N VAL A 93 11.70 3.24 3.25
CA VAL A 93 11.04 2.29 4.12
C VAL A 93 10.39 1.26 3.19
N TYR A 94 10.63 -0.03 3.47
CA TYR A 94 10.04 -1.13 2.72
C TYR A 94 8.98 -1.80 3.56
N TYR A 95 7.81 -2.02 2.99
CA TYR A 95 6.69 -2.67 3.73
C TYR A 95 6.34 -4.02 3.12
N CYS A 96 5.92 -5.02 3.92
CA CYS A 96 5.25 -6.20 3.34
C CYS A 96 3.75 -6.12 3.67
N ALA A 97 2.91 -6.75 2.86
CA ALA A 97 1.46 -6.75 3.13
C ALA A 97 0.85 -8.03 2.64
N THR A 98 -0.26 -8.43 3.24
CA THR A 98 -0.97 -9.63 2.79
C THR A 98 -2.44 -9.50 3.20
N TYR A 99 -3.23 -10.55 2.96
CA TYR A 99 -4.69 -10.58 3.10
C TYR A 99 -5.29 -9.58 2.12
N GLY A 100 -5.21 -9.92 0.83
CA GLY A 100 -5.25 -8.89 -0.18
C GLY A 100 -4.09 -7.93 0.09
N VAL A 101 -4.40 -6.67 0.32
CA VAL A 101 -3.43 -5.71 0.82
C VAL A 101 -3.93 -5.03 2.10
N ALA A 102 -4.68 -5.79 2.90
CA ALA A 102 -5.32 -5.23 4.08
C ALA A 102 -4.35 -5.12 5.30
N TYR A 103 -3.41 -6.06 5.43
CA TYR A 103 -2.60 -6.05 6.62
C TYR A 103 -1.15 -5.80 6.27
N TRP A 104 -0.53 -4.82 6.94
CA TRP A 104 0.84 -4.41 6.60
C TRP A 104 1.80 -4.59 7.73
N GLY A 105 3.06 -4.87 7.40
CA GLY A 105 4.12 -4.85 8.39
C GLY A 105 4.42 -3.42 8.88
N GLN A 106 5.32 -3.30 9.85
CA GLN A 106 5.61 -1.98 10.43
C GLN A 106 6.67 -1.22 9.64
N GLY A 107 7.20 -1.89 8.63
CA GLY A 107 8.21 -1.35 7.74
C GLY A 107 9.63 -1.60 8.22
N THR A 108 10.55 -1.65 7.28
CA THR A 108 11.97 -1.74 7.54
C THR A 108 12.65 -0.59 6.82
N LEU A 109 13.37 0.24 7.57
CA LEU A 109 14.08 1.35 6.96
C LEU A 109 15.41 0.86 6.40
N VAL A 110 15.69 1.16 5.14
CA VAL A 110 17.01 0.94 4.55
C VAL A 110 17.63 2.27 4.21
N THR A 111 18.82 2.49 4.76
CA THR A 111 19.59 3.66 4.39
CA THR A 111 19.64 3.66 4.49
C THR A 111 20.86 3.22 3.69
N VAL A 112 21.36 4.08 2.84
CA VAL A 112 22.44 3.71 1.94
C VAL A 112 23.51 4.75 2.01
N SER A 113 24.68 4.39 2.50
CA SER A 113 25.75 5.34 2.54
C SER A 113 27.07 4.65 2.69
N ALA A 114 28.11 5.25 2.12
CA ALA A 114 29.45 4.87 2.54
C ALA A 114 30.43 5.88 2.05
N ASP B 1 1.15 1.77 -17.41
CA ASP B 1 0.63 1.59 -16.06
C ASP B 1 -0.61 2.42 -15.92
N ILE B 2 -1.46 2.08 -14.96
CA ILE B 2 -2.59 2.95 -14.67
CA ILE B 2 -2.59 2.93 -14.63
C ILE B 2 -2.10 4.06 -13.74
N VAL B 3 -2.15 5.29 -14.23
CA VAL B 3 -1.69 6.45 -13.50
C VAL B 3 -2.83 7.04 -12.69
N LEU B 4 -2.60 7.20 -11.38
CA LEU B 4 -3.61 7.75 -10.49
C LEU B 4 -3.24 9.15 -10.10
N THR B 5 -4.17 10.08 -10.32
CA THR B 5 -3.93 11.49 -10.01
C THR B 5 -4.88 11.91 -8.91
N GLN B 6 -4.32 12.23 -7.73
CA GLN B 6 -5.11 12.62 -6.57
C GLN B 6 -5.24 14.10 -6.47
N SER B 7 -6.40 14.57 -6.03
CA SER B 7 -6.73 15.99 -5.93
CA SER B 7 -6.60 15.99 -5.83
C SER B 7 -7.50 16.21 -4.64
N PRO B 8 -7.22 17.27 -3.87
CA PRO B 8 -6.07 18.18 -3.95
C PRO B 8 -4.88 17.50 -3.31
N ALA B 9 -3.68 18.08 -3.49
CA ALA B 9 -2.51 17.49 -2.84
C ALA B 9 -2.43 17.94 -1.39
N SER B 10 -3.01 19.10 -1.10
CA SER B 10 -3.06 19.61 0.26
C SER B 10 -4.46 20.03 0.58
N LEU B 11 -4.98 19.64 1.74
CA LEU B 11 -6.35 19.97 2.05
C LEU B 11 -6.42 20.45 3.50
N ALA B 12 -6.90 21.67 3.74
CA ALA B 12 -7.07 22.20 5.10
C ALA B 12 -8.55 22.29 5.41
N VAL B 13 -9.03 21.55 6.41
CA VAL B 13 -10.46 21.59 6.74
CA VAL B 13 -10.47 21.48 6.73
C VAL B 13 -10.66 21.83 8.21
N SER B 14 -11.72 22.56 8.56
CA SER B 14 -12.07 22.78 9.97
C SER B 14 -12.62 21.52 10.64
N LEU B 15 -12.32 21.34 11.93
CA LEU B 15 -12.96 20.30 12.70
C LEU B 15 -14.46 20.40 12.52
N GLY B 16 -15.11 19.26 12.34
CA GLY B 16 -16.54 19.20 12.23
C GLY B 16 -17.02 19.27 10.78
N GLN B 17 -16.16 19.68 9.86
CA GLN B 17 -16.56 19.85 8.48
C GLN B 17 -16.28 18.58 7.65
N ARG B 18 -16.56 18.64 6.36
CA ARG B 18 -16.40 17.46 5.52
C ARG B 18 -15.21 17.61 4.60
N ALA B 19 -14.35 16.59 4.55
CA ALA B 19 -13.19 16.62 3.65
C ALA B 19 -13.50 15.69 2.51
N THR B 20 -13.14 16.11 1.30
CA THR B 20 -13.34 15.27 0.13
C THR B 20 -12.07 15.17 -0.68
N ILE B 21 -11.63 13.94 -0.97
CA ILE B 21 -10.43 13.70 -1.76
C ILE B 21 -10.77 12.90 -3.04
N SER B 22 -10.21 13.29 -4.16
CA SER B 22 -10.55 12.70 -5.46
CA SER B 22 -10.58 12.61 -5.40
C SER B 22 -9.37 11.92 -6.03
N CYS B 23 -9.66 10.84 -6.74
CA CYS B 23 -8.61 10.03 -7.39
C CYS B 23 -9.07 9.76 -8.81
N LYS B 24 -8.34 10.24 -9.80
CA LYS B 24 -8.67 10.02 -11.21
C LYS B 24 -7.68 9.06 -11.85
N ALA B 25 -8.20 8.05 -12.51
CA ALA B 25 -7.35 6.99 -13.08
C ALA B 25 -7.26 7.20 -14.57
N SER B 26 -6.10 6.88 -15.14
CA SER B 26 -5.89 7.08 -16.56
C SER B 26 -6.61 5.99 -17.39
N GLN B 27 -6.92 4.88 -16.75
CA GLN B 27 -7.72 3.80 -17.39
C GLN B 27 -8.66 3.24 -16.35
N SER B 28 -9.65 2.48 -16.77
CA SER B 28 -10.61 1.93 -15.81
C SER B 28 -9.98 1.02 -14.79
N VAL B 29 -10.46 1.10 -13.56
CA VAL B 29 -9.98 0.14 -12.56
C VAL B 29 -11.07 -0.87 -12.20
N ASP B 30 -12.08 -0.94 -13.07
CA ASP B 30 -13.15 -1.92 -12.94
C ASP B 30 -12.86 -3.18 -13.71
N HIS B 31 -13.34 -4.30 -13.17
CA HIS B 31 -13.34 -5.54 -13.91
C HIS B 31 -14.58 -6.32 -13.47
N ASP B 32 -15.38 -6.73 -14.46
CA ASP B 32 -16.58 -7.57 -14.27
C ASP B 32 -17.46 -7.07 -13.13
N GLY B 33 -17.85 -5.80 -13.16
CA GLY B 33 -18.70 -5.28 -12.10
C GLY B 33 -18.06 -4.87 -10.76
N ASP B 34 -16.77 -5.09 -10.56
CA ASP B 34 -16.10 -4.68 -9.34
C ASP B 34 -15.08 -3.58 -9.61
N SER B 35 -14.97 -2.61 -8.72
CA SER B 35 -13.99 -1.54 -8.83
C SER B 35 -12.81 -1.83 -7.90
N TYR B 36 -11.60 -1.90 -8.41
CA TYR B 36 -10.47 -2.26 -7.55
C TYR B 36 -9.68 -1.04 -7.14
N MET B 37 -10.34 -0.15 -6.39
CA MET B 37 -9.70 1.07 -5.84
C MET B 37 -9.74 0.98 -4.30
N ASN B 38 -8.58 1.18 -3.68
CA ASN B 38 -8.41 1.24 -2.22
C ASN B 38 -8.01 2.64 -1.74
N TRP B 39 -8.33 2.97 -0.49
CA TRP B 39 -7.85 4.19 0.11
C TRP B 39 -7.16 3.85 1.40
N PHE B 40 -5.96 4.44 1.59
CA PHE B 40 -5.11 4.27 2.76
C PHE B 40 -4.93 5.60 3.49
N GLN B 41 -4.78 5.51 4.80
CA GLN B 41 -4.42 6.63 5.67
C GLN B 41 -3.02 6.38 6.17
N GLN B 42 -2.15 7.40 6.21
CA GLN B 42 -0.83 7.17 6.79
C GLN B 42 -0.41 8.34 7.66
N LYS B 43 -0.06 8.06 8.90
CA LYS B 43 0.47 9.10 9.82
C LYS B 43 1.97 8.96 9.82
N PRO B 44 2.71 10.03 10.18
CA PRO B 44 4.18 9.99 10.13
C PRO B 44 4.75 8.86 10.95
N GLY B 45 5.66 8.13 10.33
CA GLY B 45 6.37 7.08 11.04
C GLY B 45 5.57 5.80 11.17
N GLN B 46 4.36 5.78 10.61
CA GLN B 46 3.49 4.62 10.73
C GLN B 46 3.18 3.97 9.37
N SER B 47 2.76 2.73 9.39
CA SER B 47 2.39 2.05 8.15
CA SER B 47 2.39 2.07 8.15
C SER B 47 1.06 2.54 7.64
N PRO B 48 0.90 2.50 6.32
CA PRO B 48 -0.40 2.84 5.75
C PRO B 48 -1.49 1.93 6.31
N LYS B 49 -2.67 2.49 6.55
CA LYS B 49 -3.80 1.76 7.11
C LYS B 49 -4.96 1.77 6.09
N LEU B 50 -5.40 0.56 5.70
CA LEU B 50 -6.52 0.45 4.75
C LEU B 50 -7.82 1.02 5.34
N LEU B 51 -8.45 1.97 4.64
CA LEU B 51 -9.73 2.54 5.02
C LEU B 51 -10.88 1.90 4.29
N ILE B 52 -10.72 1.88 2.97
CA ILE B 52 -11.80 1.53 2.03
C ILE B 52 -11.19 0.61 0.97
N TYR B 53 -11.89 -0.43 0.58
CA TYR B 53 -11.48 -1.27 -0.52
C TYR B 53 -12.66 -1.49 -1.46
N ALA B 54 -12.34 -1.88 -2.69
CA ALA B 54 -13.34 -2.10 -3.76
C ALA B 54 -14.26 -0.87 -3.85
N ALA B 55 -13.59 0.29 -3.80
CA ALA B 55 -14.18 1.65 -3.98
C ALA B 55 -15.08 2.15 -2.83
N SER B 56 -15.87 1.27 -2.22
CA SER B 56 -16.86 1.71 -1.25
C SER B 56 -16.99 0.86 0.00
N ASN B 57 -16.21 -0.23 0.11
CA ASN B 57 -16.34 -1.10 1.27
C ASN B 57 -15.47 -0.63 2.47
N LEU B 58 -16.14 -0.43 3.58
CA LEU B 58 -15.47 0.07 4.80
C LEU B 58 -14.70 -1.03 5.48
N GLU B 59 -13.41 -0.81 5.69
CA GLU B 59 -12.59 -1.87 6.26
C GLU B 59 -12.93 -2.04 7.74
N SER B 60 -12.92 -3.30 8.20
CA SER B 60 -13.09 -3.57 9.62
C SER B 60 -12.22 -2.69 10.51
N GLY B 61 -12.83 -2.16 11.56
CA GLY B 61 -12.17 -1.33 12.52
C GLY B 61 -12.16 0.16 12.18
N ILE B 62 -12.64 0.51 10.99
CA ILE B 62 -12.61 1.90 10.54
C ILE B 62 -13.97 2.54 10.76
N PRO B 63 -14.04 3.78 11.32
CA PRO B 63 -15.40 4.27 11.51
C PRO B 63 -16.10 4.79 10.25
N ALA B 64 -17.44 4.79 10.32
CA ALA B 64 -18.28 5.11 9.19
C ALA B 64 -18.17 6.57 8.77
N ARG B 65 -17.42 7.37 9.54
CA ARG B 65 -17.12 8.74 9.07
C ARG B 65 -16.37 8.74 7.74
N PHE B 66 -15.71 7.63 7.44
CA PHE B 66 -15.01 7.44 6.16
C PHE B 66 -15.91 6.76 5.15
N SER B 67 -16.00 7.30 3.94
CA SER B 67 -16.77 6.63 2.92
C SER B 67 -16.19 6.82 1.54
N GLY B 68 -16.39 5.82 0.70
CA GLY B 68 -15.79 5.82 -0.63
C GLY B 68 -16.89 5.69 -1.66
N SER B 69 -16.68 6.34 -2.81
CA SER B 69 -17.62 6.21 -3.91
CA SER B 69 -17.61 6.22 -3.91
C SER B 69 -16.88 6.31 -5.23
N GLY B 70 -17.59 6.05 -6.31
CA GLY B 70 -17.02 6.21 -7.65
C GLY B 70 -17.02 4.88 -8.35
N SER B 71 -16.67 4.90 -9.63
CA SER B 71 -16.51 3.69 -10.41
C SER B 71 -15.66 4.09 -11.60
N GLY B 72 -15.11 3.11 -12.32
CA GLY B 72 -14.56 3.42 -13.64
C GLY B 72 -13.22 4.09 -13.51
N THR B 73 -13.14 5.40 -13.79
CA THR B 73 -11.90 6.14 -13.64
C THR B 73 -11.96 7.24 -12.58
N ASP B 74 -13.11 7.44 -11.93
CA ASP B 74 -13.18 8.57 -10.99
C ASP B 74 -13.69 8.16 -9.62
N PHE B 75 -12.88 8.38 -8.59
CA PHE B 75 -13.22 7.85 -7.26
C PHE B 75 -13.07 8.95 -6.20
N THR B 76 -13.80 8.83 -5.11
CA THR B 76 -13.80 9.89 -4.09
CA THR B 76 -13.88 9.92 -4.09
C THR B 76 -13.86 9.31 -2.70
N LEU B 77 -13.07 9.89 -1.82
CA LEU B 77 -13.10 9.59 -0.41
C LEU B 77 -13.71 10.74 0.35
N ASN B 78 -14.66 10.48 1.24
CA ASN B 78 -15.25 11.55 2.02
C ASN B 78 -14.97 11.25 3.48
N ILE B 79 -14.66 12.29 4.25
CA ILE B 79 -14.45 12.14 5.69
C ILE B 79 -15.30 13.14 6.35
N HIS B 80 -16.25 12.72 7.18
CA HIS B 80 -17.04 13.72 7.93
C HIS B 80 -17.76 13.09 9.09
N PRO B 81 -17.88 13.83 10.19
CA PRO B 81 -17.22 15.13 10.41
C PRO B 81 -15.73 14.90 10.62
N VAL B 82 -14.89 15.81 10.16
CA VAL B 82 -13.46 15.71 10.44
C VAL B 82 -13.12 15.90 11.91
N GLU B 83 -12.23 15.06 12.41
CA GLU B 83 -11.76 15.12 13.80
C GLU B 83 -10.25 15.24 13.86
N GLU B 84 -9.69 15.62 15.02
CA GLU B 84 -8.24 15.86 15.12
C GLU B 84 -7.43 14.68 14.60
N GLU B 85 -7.90 13.48 14.87
CA GLU B 85 -7.10 12.31 14.53
C GLU B 85 -7.13 11.99 13.03
N ASP B 86 -7.91 12.73 12.25
CA ASP B 86 -7.89 12.53 10.81
C ASP B 86 -6.74 13.21 10.07
N ALA B 87 -6.01 14.08 10.76
CA ALA B 87 -4.87 14.71 10.12
C ALA B 87 -3.84 13.64 9.78
N ALA B 88 -3.53 13.55 8.49
CA ALA B 88 -2.76 12.42 7.94
C ALA B 88 -2.57 12.61 6.47
N THR B 89 -1.76 11.76 5.84
CA THR B 89 -1.69 11.75 4.39
C THR B 89 -2.51 10.56 3.90
N TYR B 90 -3.34 10.80 2.87
CA TYR B 90 -4.23 9.76 2.30
C TYR B 90 -3.76 9.37 0.90
N TYR B 91 -3.82 8.09 0.57
CA TYR B 91 -3.39 7.62 -0.76
C TYR B 91 -4.49 6.77 -1.38
N CYS B 92 -4.75 6.94 -2.66
CA CYS B 92 -5.57 5.96 -3.35
C CYS B 92 -4.63 4.93 -3.99
N GLN B 93 -5.15 3.74 -4.24
CA GLN B 93 -4.32 2.68 -4.84
C GLN B 93 -5.20 1.85 -5.76
N GLN B 94 -4.73 1.49 -6.97
CA GLN B 94 -5.53 0.54 -7.75
C GLN B 94 -4.85 -0.79 -7.83
N THR B 95 -5.66 -1.85 -7.88
CA THR B 95 -5.18 -3.22 -7.84
C THR B 95 -5.93 -4.03 -8.90
N ASN B 96 -6.35 -3.31 -9.95
CA ASN B 96 -6.96 -3.95 -11.10
C ASN B 96 -5.95 -4.54 -12.09
N GLU B 97 -4.93 -3.76 -12.43
CA GLU B 97 -3.93 -4.18 -13.40
C GLU B 97 -2.53 -3.98 -12.85
N ASP B 98 -1.61 -4.81 -13.32
CA ASP B 98 -0.20 -4.69 -12.93
C ASP B 98 0.53 -3.66 -13.75
N PRO B 99 1.49 -2.95 -13.14
CA PRO B 99 1.77 -2.98 -11.70
C PRO B 99 0.71 -2.22 -10.89
N TYR B 100 0.45 -2.65 -9.68
CA TYR B 100 -0.44 -1.84 -8.83
C TYR B 100 0.19 -0.45 -8.71
N THR B 101 -0.64 0.57 -8.60
CA THR B 101 -0.13 1.93 -8.54
C THR B 101 -0.87 2.70 -7.44
N PHE B 102 -0.19 3.73 -6.91
CA PHE B 102 -0.73 4.65 -5.90
C PHE B 102 -0.86 6.07 -6.45
N GLY B 103 -1.81 6.79 -5.91
CA GLY B 103 -1.86 8.22 -6.19
C GLY B 103 -0.71 8.89 -5.42
N GLY B 104 -0.51 10.17 -5.71
CA GLY B 104 0.62 10.86 -5.12
C GLY B 104 0.42 11.34 -3.71
N GLY B 105 -0.78 11.21 -3.16
CA GLY B 105 -1.02 11.59 -1.77
C GLY B 105 -1.76 12.88 -1.64
N THR B 106 -2.52 12.96 -0.56
CA THR B 106 -3.23 14.19 -0.15
C THR B 106 -2.98 14.36 1.34
N LYS B 107 -2.33 15.45 1.72
CA LYS B 107 -2.16 15.75 3.14
C LYS B 107 -3.36 16.53 3.69
N LEU B 108 -4.07 15.95 4.65
CA LEU B 108 -5.21 16.58 5.30
C LEU B 108 -4.71 17.21 6.60
N GLU B 109 -4.86 18.54 6.72
CA GLU B 109 -4.49 19.31 7.93
C GLU B 109 -5.75 19.88 8.51
N ILE B 110 -5.73 20.18 9.81
CA ILE B 110 -6.81 20.89 10.43
C ILE B 110 -6.60 22.37 10.33
N LYS B 111 -7.63 23.04 9.83
CA LYS B 111 -7.67 24.48 9.73
C LYS B 111 -8.28 25.00 11.04
N ILE C 3 -21.32 -10.78 2.35
CA ILE C 3 -20.47 -9.98 3.22
C ILE C 3 -19.15 -9.73 2.52
N ASN C 4 -18.86 -8.47 2.35
CA ASN C 4 -17.64 -8.07 1.71
C ASN C 4 -16.43 -8.43 2.56
N ASN C 5 -15.28 -8.67 1.93
CA ASN C 5 -14.10 -9.10 2.66
C ASN C 5 -12.86 -8.58 1.90
N ALA C 6 -11.86 -8.04 2.60
CA ALA C 6 -10.71 -7.46 1.92
C ALA C 6 -9.79 -8.49 1.27
N TYR C 7 -9.76 -9.71 1.81
CA TYR C 7 -8.98 -10.75 1.13
C TYR C 7 -9.53 -10.95 -0.28
N ASN C 8 -10.87 -10.97 -0.41
CA ASN C 8 -11.46 -11.25 -1.73
C ASN C 8 -11.38 -10.06 -2.65
N MET C 9 -11.49 -8.84 -2.10
CA MET C 9 -11.80 -7.71 -2.95
C MET C 9 -10.79 -6.55 -2.89
N SER C 10 -9.79 -6.59 -2.01
CA SER C 10 -8.85 -5.46 -2.06
C SER C 10 -7.80 -5.66 -3.18
N ILE C 11 -7.74 -6.85 -3.79
CA ILE C 11 -6.97 -7.03 -5.01
C ILE C 11 -7.83 -7.81 -5.99
N ARG C 12 -7.56 -7.67 -7.28
CA ARG C 12 -8.28 -8.46 -8.30
C ARG C 12 -7.60 -9.80 -8.41
N ARG C 13 -8.36 -10.86 -8.21
CA ARG C 13 -7.73 -12.19 -8.27
C ARG C 13 -8.14 -12.82 -9.57
N SER C 14 -7.28 -13.67 -10.12
CA SER C 14 -7.68 -14.39 -11.34
C SER C 14 -7.41 -15.89 -11.22
N NH2 C 15 -8.05 -16.67 -12.09
#